data_3HCL
# 
_entry.id   3HCL 
# 
_audit_conform.dict_name       mmcif_pdbx.dic 
_audit_conform.dict_version    5.380 
_audit_conform.dict_location   http://mmcif.pdb.org/dictionaries/ascii/mmcif_pdbx.dic 
# 
loop_
_database_2.database_id 
_database_2.database_code 
_database_2.pdbx_database_accession 
_database_2.pdbx_DOI 
PDB   3HCL         pdb_00003hcl 10.2210/pdb3hcl/pdb 
NDB   UD0082       ?            ?                   
RCSB  RCSB052968   ?            ?                   
WWPDB D_1000052968 ?            ?                   
# 
_pdbx_database_status.status_code                     REL 
_pdbx_database_status.entry_id                        3HCL 
_pdbx_database_status.recvd_initial_deposition_date   2009-05-06 
_pdbx_database_status.deposit_site                    RCSB 
_pdbx_database_status.process_site                    PDBJ 
_pdbx_database_status.status_code_sf                  REL 
_pdbx_database_status.status_code_mr                  ? 
_pdbx_database_status.SG_entry                        ? 
_pdbx_database_status.status_code_cs                  ? 
_pdbx_database_status.pdb_format_compatible           Y 
_pdbx_database_status.methods_development_category    ? 
_pdbx_database_status.status_code_nmr_data            ? 
# 
loop_
_audit_author.name 
_audit_author.pdbx_ordinal 
'De Luchi, D.'             1 
'Martinez de Ilarduya, I.' 2 
'Subirana, J.A.'           3 
'Uson, I.'                 4 
'Campos, J.L.'             5 
# 
_citation.id                        primary 
_citation.title                     
'A geometric approach to the crystallographic solution of nonconventional DNA structures: helical superstructures of d(CGATAT)' 
_citation.journal_abbrev            Angew.Chem.Int.Ed.Engl. 
_citation.journal_volume            49 
_citation.page_first                7920 
_citation.page_last                 7922 
_citation.year                      2010 
_citation.journal_id_ASTM           ? 
_citation.country                   GE 
_citation.journal_id_ISSN           1433-7851 
_citation.journal_id_CSD            9999 
_citation.book_publisher            ? 
_citation.pdbx_database_id_PubMed   20848628 
_citation.pdbx_database_id_DOI      10.1002/anie.201003647 
# 
loop_
_citation_author.citation_id 
_citation_author.name 
_citation_author.ordinal 
_citation_author.identifier_ORCID 
primary 'Martinez de Ilarduya, I.' 1 ? 
primary 'De Luchi, D.'             2 ? 
primary 'Subirana, J.A.'           3 ? 
primary 'Campos, J.L.'             4 ? 
primary 'Uson, I.'                 5 ? 
# 
_cell.entry_id           3HCL 
_cell.length_a           38.326 
_cell.length_b           38.326 
_cell.length_c           56.821 
_cell.angle_alpha        90.00 
_cell.angle_beta         90.00 
_cell.angle_gamma        120.00 
_cell.Z_PDB              12 
_cell.pdbx_unique_axis   ? 
_cell.length_a_esd       ? 
_cell.length_b_esd       ? 
_cell.length_c_esd       ? 
_cell.angle_alpha_esd    ? 
_cell.angle_beta_esd     ? 
_cell.angle_gamma_esd    ? 
# 
_symmetry.entry_id                         3HCL 
_symmetry.space_group_name_H-M             'P 62 2 2' 
_symmetry.pdbx_full_space_group_name_H-M   ? 
_symmetry.cell_setting                     ? 
_symmetry.Int_Tables_number                180 
_symmetry.space_group_name_Hall            ? 
# 
loop_
_entity.id 
_entity.type 
_entity.src_method 
_entity.pdbx_description 
_entity.formula_weight 
_entity.pdbx_number_of_molecules 
_entity.pdbx_ec 
_entity.pdbx_mutation 
_entity.pdbx_fragment 
_entity.details 
1 polymer syn 
;DNA (5'-D(*CP*GP*AP*TP*AP*T)-3')
;
1808.229 1 ? ? ? ? 
2 water   nat water                              18.015   2 ? ? ? ? 
# 
_entity_poly.entity_id                      1 
_entity_poly.type                           polydeoxyribonucleotide 
_entity_poly.nstd_linkage                   no 
_entity_poly.nstd_monomer                   no 
_entity_poly.pdbx_seq_one_letter_code       '(DC)(DG)(DA)(DT)(DA)(DT)' 
_entity_poly.pdbx_seq_one_letter_code_can   CGATAT 
_entity_poly.pdbx_strand_id                 A 
_entity_poly.pdbx_target_identifier         ? 
# 
loop_
_entity_poly_seq.entity_id 
_entity_poly_seq.num 
_entity_poly_seq.mon_id 
_entity_poly_seq.hetero 
1 1 DC n 
1 2 DG n 
1 3 DA n 
1 4 DT n 
1 5 DA n 
1 6 DT n 
# 
_struct_ref.id                         1 
_struct_ref.db_name                    PDB 
_struct_ref.db_code                    3HCL 
_struct_ref.pdbx_db_accession          3HCL 
_struct_ref.entity_id                  1 
_struct_ref.pdbx_align_begin           ? 
_struct_ref.pdbx_seq_one_letter_code   ? 
_struct_ref.pdbx_db_isoform            ? 
# 
_struct_ref_seq.align_id                      1 
_struct_ref_seq.ref_id                        1 
_struct_ref_seq.pdbx_PDB_id_code              3HCL 
_struct_ref_seq.pdbx_strand_id                A 
_struct_ref_seq.seq_align_beg                 1 
_struct_ref_seq.pdbx_seq_align_beg_ins_code   ? 
_struct_ref_seq.seq_align_end                 6 
_struct_ref_seq.pdbx_seq_align_end_ins_code   ? 
_struct_ref_seq.pdbx_db_accession             3HCL 
_struct_ref_seq.db_align_beg                  1 
_struct_ref_seq.pdbx_db_align_beg_ins_code    ? 
_struct_ref_seq.db_align_end                  6 
_struct_ref_seq.pdbx_db_align_end_ins_code    ? 
_struct_ref_seq.pdbx_auth_seq_align_beg       1 
_struct_ref_seq.pdbx_auth_seq_align_end       6 
# 
loop_
_chem_comp.id 
_chem_comp.type 
_chem_comp.mon_nstd_flag 
_chem_comp.name 
_chem_comp.pdbx_synonyms 
_chem_comp.formula 
_chem_comp.formula_weight 
DA  'DNA linking' y "2'-DEOXYADENOSINE-5'-MONOPHOSPHATE" ? 'C10 H14 N5 O6 P' 331.222 
DC  'DNA linking' y "2'-DEOXYCYTIDINE-5'-MONOPHOSPHATE"  ? 'C9 H14 N3 O7 P'  307.197 
DG  'DNA linking' y "2'-DEOXYGUANOSINE-5'-MONOPHOSPHATE" ? 'C10 H14 N5 O7 P' 347.221 
DT  'DNA linking' y "THYMIDINE-5'-MONOPHOSPHATE"         ? 'C10 H15 N2 O8 P' 322.208 
HOH non-polymer   . WATER                                ? 'H2 O'            18.015  
# 
_exptl.entry_id          3HCL 
_exptl.method            'X-RAY DIFFRACTION' 
_exptl.crystals_number   1 
# 
_exptl_crystal.id                    1 
_exptl_crystal.density_meas          ? 
_exptl_crystal.density_Matthews      3.33 
_exptl_crystal.density_percent_sol   63.08 
_exptl_crystal.description           ? 
_exptl_crystal.F_000                 ? 
_exptl_crystal.preparation           ? 
# 
_diffrn.id                     1 
_diffrn.ambient_temp           ? 
_diffrn.ambient_temp_details   ? 
_diffrn.crystal_id             1 
# 
_diffrn_detector.diffrn_id              1 
_diffrn_detector.detector               CCD 
_diffrn_detector.type                   'ADSC QUANTUM 210' 
_diffrn_detector.pdbx_collection_date   2007-12-08 
_diffrn_detector.details                ? 
# 
_diffrn_radiation.diffrn_id                        1 
_diffrn_radiation.wavelength_id                    1 
_diffrn_radiation.pdbx_monochromatic_or_laue_m_l   M 
_diffrn_radiation.monochromator                    ? 
_diffrn_radiation.pdbx_diffrn_protocol             'SINGLE WAVELENGTH' 
_diffrn_radiation.pdbx_scattering_type             x-ray 
# 
_diffrn_radiation_wavelength.id           1 
_diffrn_radiation_wavelength.wavelength   0.9783 
_diffrn_radiation_wavelength.wt           1.0 
# 
_diffrn_source.diffrn_id                   1 
_diffrn_source.source                      SYNCHROTRON 
_diffrn_source.type                        'ESRF BEAMLINE BM16' 
_diffrn_source.pdbx_synchrotron_site       ESRF 
_diffrn_source.pdbx_synchrotron_beamline   BM16 
_diffrn_source.pdbx_wavelength             ? 
_diffrn_source.pdbx_wavelength_list        0.9783 
# 
_reflns.entry_id                     3HCL 
_reflns.observed_criterion_sigma_I   -3 
_reflns.observed_criterion_sigma_F   0 
_reflns.d_resolution_low             35 
_reflns.d_resolution_high            2.59 
_reflns.number_obs                   924 
_reflns.number_all                   924 
_reflns.percent_possible_obs         98.8 
_reflns.pdbx_Rmerge_I_obs            0.046 
_reflns.pdbx_Rsym_value              0.017 
_reflns.pdbx_netI_over_sigmaI        43.8 
_reflns.B_iso_Wilson_estimate        80 
_reflns.pdbx_redundancy              0.99 
_reflns.R_free_details               ? 
_reflns.limit_h_max                  ? 
_reflns.limit_h_min                  ? 
_reflns.limit_k_max                  ? 
_reflns.limit_k_min                  ? 
_reflns.limit_l_max                  ? 
_reflns.limit_l_min                  ? 
_reflns.observed_criterion_F_max     ? 
_reflns.observed_criterion_F_min     ? 
_reflns.pdbx_chi_squared             ? 
_reflns.pdbx_scaling_rejects         ? 
_reflns.pdbx_diffrn_id               1 
_reflns.pdbx_ordinal                 1 
# 
_reflns_shell.d_res_high             2.59 
_reflns_shell.d_res_low              2.63 
_reflns_shell.percent_possible_all   100 
_reflns_shell.Rmerge_I_obs           ? 
_reflns_shell.pdbx_Rsym_value        0.071 
_reflns_shell.meanI_over_sigI_obs    12.5 
_reflns_shell.pdbx_redundancy        1 
_reflns_shell.percent_possible_obs   ? 
_reflns_shell.number_unique_all      56 
_reflns_shell.number_measured_all    ? 
_reflns_shell.number_measured_obs    ? 
_reflns_shell.number_unique_obs      ? 
_reflns_shell.pdbx_chi_squared       ? 
_reflns_shell.pdbx_diffrn_id         ? 
_reflns_shell.pdbx_ordinal           1 
# 
_refine.entry_id                                 3HCL 
_refine.ls_number_reflns_obs                     869 
_refine.ls_number_reflns_all                     ? 
_refine.pdbx_ls_sigma_I                          ? 
_refine.pdbx_ls_sigma_F                          ? 
_refine.pdbx_data_cutoff_high_absF               ? 
_refine.pdbx_data_cutoff_low_absF                ? 
_refine.pdbx_data_cutoff_high_rms_absF           ? 
_refine.ls_d_res_low                             33.19 
_refine.ls_d_res_high                            2.59 
_refine.ls_percent_reflns_obs                    99.35 
_refine.ls_R_factor_obs                          0.23862 
_refine.ls_R_factor_all                          ? 
_refine.ls_R_factor_R_work                       0.23653 
_refine.ls_R_factor_R_free                       0.27509 
_refine.ls_R_factor_R_free_error                 ? 
_refine.ls_R_factor_R_free_error_details         ? 
_refine.ls_percent_reflns_R_free                 5.6 
_refine.ls_number_reflns_R_free                  52 
_refine.ls_number_parameters                     ? 
_refine.ls_number_restraints                     ? 
_refine.occupancy_min                            ? 
_refine.occupancy_max                            ? 
_refine.correlation_coeff_Fo_to_Fc               0.950 
_refine.correlation_coeff_Fo_to_Fc_free          0.942 
_refine.B_iso_mean                               40.871 
_refine.aniso_B[1][1]                            1.26 
_refine.aniso_B[2][2]                            1.26 
_refine.aniso_B[3][3]                            -1.88 
_refine.aniso_B[1][2]                            0.63 
_refine.aniso_B[1][3]                            0.00 
_refine.aniso_B[2][3]                            0.00 
_refine.solvent_model_details                    MASK 
_refine.solvent_model_param_ksol                 ? 
_refine.solvent_model_param_bsol                 ? 
_refine.pdbx_solvent_vdw_probe_radii             1.20 
_refine.pdbx_solvent_ion_probe_radii             0.80 
_refine.pdbx_solvent_shrinkage_radii             0.80 
_refine.pdbx_ls_cross_valid_method               THROUGHOUT 
_refine.details                                  'HYDROGENS HAVE BEEN ADDED IN THE RIDING POSITIONS' 
_refine.pdbx_starting_model                      231D 
_refine.pdbx_method_to_determine_struct          'MOLECULAR REPLACEMENT' 
_refine.pdbx_isotropic_thermal_model             ? 
_refine.pdbx_stereochemistry_target_values       'MAXIMUM LIKELIHOOD' 
_refine.pdbx_stereochem_target_val_spec_case     ? 
_refine.pdbx_R_Free_selection_details            RANDOM 
_refine.pdbx_overall_ESU_R                       0.354 
_refine.pdbx_overall_ESU_R_Free                  0.272 
_refine.overall_SU_ML                            0.222 
_refine.overall_SU_B                             11.662 
_refine.ls_redundancy_reflns_obs                 ? 
_refine.B_iso_min                                ? 
_refine.B_iso_max                                ? 
_refine.overall_SU_R_Cruickshank_DPI             ? 
_refine.overall_SU_R_free                        ? 
_refine.ls_wR_factor_R_free                      ? 
_refine.ls_wR_factor_R_work                      ? 
_refine.overall_FOM_free_R_set                   ? 
_refine.overall_FOM_work_R_set                   ? 
_refine.pdbx_refine_id                           'X-RAY DIFFRACTION' 
_refine.pdbx_overall_phase_error                 ? 
_refine.pdbx_diffrn_id                           1 
_refine.pdbx_TLS_residual_ADP_flag               ? 
_refine.pdbx_overall_SU_R_free_Cruickshank_DPI   ? 
_refine.pdbx_overall_SU_R_Blow_DPI               ? 
_refine.pdbx_overall_SU_R_free_Blow_DPI          ? 
# 
_refine_hist.pdbx_refine_id                   'X-RAY DIFFRACTION' 
_refine_hist.cycle_id                         LAST 
_refine_hist.pdbx_number_atoms_protein        0 
_refine_hist.pdbx_number_atoms_nucleic_acid   120 
_refine_hist.pdbx_number_atoms_ligand         0 
_refine_hist.number_atoms_solvent             2 
_refine_hist.number_atoms_total               122 
_refine_hist.d_res_high                       2.59 
_refine_hist.d_res_low                        33.19 
# 
loop_
_refine_ls_restr.type 
_refine_ls_restr.dev_ideal 
_refine_ls_restr.dev_ideal_target 
_refine_ls_restr.weight 
_refine_ls_restr.number 
_refine_ls_restr.pdbx_refine_id 
_refine_ls_restr.pdbx_restraint_function 
r_bond_refined_d     0.013 0.021 ? 134 'X-RAY DIFFRACTION' ? 
r_angle_refined_deg  2.661 3.000 ? 205 'X-RAY DIFFRACTION' ? 
r_chiral_restr       0.099 0.200 ? 23  'X-RAY DIFFRACTION' ? 
r_gen_planes_refined 0.006 0.020 ? 63  'X-RAY DIFFRACTION' ? 
r_scbond_it          1.949 3.000 ? 134 'X-RAY DIFFRACTION' ? 
r_scangle_it         2.971 4.500 ? 205 'X-RAY DIFFRACTION' ? 
# 
_refine_ls_shell.pdbx_total_number_of_bins_used   20 
_refine_ls_shell.d_res_high                       2.586 
_refine_ls_shell.d_res_low                        2.653 
_refine_ls_shell.number_reflns_R_work             60 
_refine_ls_shell.R_factor_R_work                  0.586 
_refine_ls_shell.percent_reflns_obs               100.00 
_refine_ls_shell.R_factor_R_free                  0.720 
_refine_ls_shell.R_factor_R_free_error            ? 
_refine_ls_shell.percent_reflns_R_free            ? 
_refine_ls_shell.number_reflns_R_free             2 
_refine_ls_shell.number_reflns_all                ? 
_refine_ls_shell.R_factor_all                     ? 
_refine_ls_shell.number_reflns_obs                ? 
_refine_ls_shell.redundancy_reflns_obs            ? 
_refine_ls_shell.pdbx_refine_id                   'X-RAY DIFFRACTION' 
# 
_struct.entry_id                  3HCL 
_struct.title                     'Helical superstructures in a DNA oligonucleotide crystal' 
_struct.pdbx_model_details        ? 
_struct.pdbx_CASP_flag            ? 
_struct.pdbx_model_type_details   ? 
# 
_struct_keywords.entry_id        3HCL 
_struct_keywords.pdbx_keywords   DNA 
_struct_keywords.text            'DNA, oligonucleotide, superhelices, supramolecular chemistry' 
# 
loop_
_struct_asym.id 
_struct_asym.pdbx_blank_PDB_chainid_flag 
_struct_asym.pdbx_modified 
_struct_asym.entity_id 
_struct_asym.details 
A N N 1 ? 
B N N 2 ? 
# 
_struct_biol.id        1 
_struct_biol.details   
;The ATAT part of the structure forms a B-DNA structure by the symmetry operation: x-y,-y+1,-z. The CG part of the sequence forms a Z-DNA step by the symmetry operation: x,x-y,-z+1/3. The cgatat sequence pairs itself with various symmetry equivalents leading to a complex interconnected superstructure.
;
# 
loop_
_struct_conn.id 
_struct_conn.conn_type_id 
_struct_conn.pdbx_leaving_atom_flag 
_struct_conn.pdbx_PDB_id 
_struct_conn.ptnr1_label_asym_id 
_struct_conn.ptnr1_label_comp_id 
_struct_conn.ptnr1_label_seq_id 
_struct_conn.ptnr1_label_atom_id 
_struct_conn.pdbx_ptnr1_label_alt_id 
_struct_conn.pdbx_ptnr1_PDB_ins_code 
_struct_conn.pdbx_ptnr1_standard_comp_id 
_struct_conn.ptnr1_symmetry 
_struct_conn.ptnr2_label_asym_id 
_struct_conn.ptnr2_label_comp_id 
_struct_conn.ptnr2_label_seq_id 
_struct_conn.ptnr2_label_atom_id 
_struct_conn.pdbx_ptnr2_label_alt_id 
_struct_conn.pdbx_ptnr2_PDB_ins_code 
_struct_conn.ptnr1_auth_asym_id 
_struct_conn.ptnr1_auth_comp_id 
_struct_conn.ptnr1_auth_seq_id 
_struct_conn.ptnr2_auth_asym_id 
_struct_conn.ptnr2_auth_comp_id 
_struct_conn.ptnr2_auth_seq_id 
_struct_conn.ptnr2_symmetry 
_struct_conn.pdbx_ptnr3_label_atom_id 
_struct_conn.pdbx_ptnr3_label_seq_id 
_struct_conn.pdbx_ptnr3_label_comp_id 
_struct_conn.pdbx_ptnr3_label_asym_id 
_struct_conn.pdbx_ptnr3_label_alt_id 
_struct_conn.pdbx_ptnr3_PDB_ins_code 
_struct_conn.details 
_struct_conn.pdbx_dist_value 
_struct_conn.pdbx_value_order 
_struct_conn.pdbx_role 
hydrog1 hydrog ? ? A DA 3 N1 ? ? ? 1_555 A DT 6 N3 ? ? A DA 3 A DT 6 8_676 ? ? ? ? ? ? WATSON-CRICK ? ? ? 
hydrog2 hydrog ? ? A DA 3 N6 ? ? ? 1_555 A DT 6 O4 ? ? A DA 3 A DT 6 8_676 ? ? ? ? ? ? WATSON-CRICK ? ? ? 
hydrog3 hydrog ? ? A DT 4 N3 ? ? ? 1_555 A DA 5 N1 ? ? A DT 4 A DA 5 8_676 ? ? ? ? ? ? WATSON-CRICK ? ? ? 
hydrog4 hydrog ? ? A DT 4 O4 ? ? ? 1_555 A DA 5 N6 ? ? A DT 4 A DA 5 8_676 ? ? ? ? ? ? WATSON-CRICK ? ? ? 
hydrog5 hydrog ? ? A DA 5 N1 ? ? ? 1_555 A DT 4 N3 ? ? A DA 5 A DT 4 8_676 ? ? ? ? ? ? WATSON-CRICK ? ? ? 
hydrog6 hydrog ? ? A DA 5 N6 ? ? ? 1_555 A DT 4 O4 ? ? A DA 5 A DT 4 8_676 ? ? ? ? ? ? WATSON-CRICK ? ? ? 
hydrog7 hydrog ? ? A DT 6 N3 ? ? ? 1_555 A DA 3 N1 ? ? A DT 6 A DA 3 8_676 ? ? ? ? ? ? WATSON-CRICK ? ? ? 
hydrog8 hydrog ? ? A DT 6 O4 ? ? ? 1_555 A DA 3 N6 ? ? A DT 6 A DA 3 8_676 ? ? ? ? ? ? WATSON-CRICK ? ? ? 
# 
_struct_conn_type.id          hydrog 
_struct_conn_type.criteria    ? 
_struct_conn_type.reference   ? 
# 
_atom_sites.entry_id                    3HCL 
_atom_sites.fract_transf_matrix[1][1]   -0.00774109 
_atom_sites.fract_transf_matrix[1][2]   -0.00220720 
_atom_sites.fract_transf_matrix[1][3]   -0.02903309 
_atom_sites.fract_transf_matrix[2][1]   -0.00031071 
_atom_sites.fract_transf_matrix[2][2]   0.02458077 
_atom_sites.fract_transf_matrix[2][3]   -0.01741797 
_atom_sites.fract_transf_matrix[3][1]   0.01683783 
_atom_sites.fract_transf_matrix[3][2]   -0.00281668 
_atom_sites.fract_transf_matrix[3][3]   -0.00427534 
_atom_sites.fract_transf_vector[1]      0.328562 
_atom_sites.fract_transf_vector[2]      0.887600 
_atom_sites.fract_transf_vector[3]      0.571788 
# 
loop_
_atom_type.symbol 
C 
N 
O 
P 
# 
loop_
_atom_site.group_PDB 
_atom_site.id 
_atom_site.type_symbol 
_atom_site.label_atom_id 
_atom_site.label_alt_id 
_atom_site.label_comp_id 
_atom_site.label_asym_id 
_atom_site.label_entity_id 
_atom_site.label_seq_id 
_atom_site.pdbx_PDB_ins_code 
_atom_site.Cartn_x 
_atom_site.Cartn_y 
_atom_site.Cartn_z 
_atom_site.occupancy 
_atom_site.B_iso_or_equiv 
_atom_site.pdbx_formal_charge 
_atom_site.auth_seq_id 
_atom_site.auth_comp_id 
_atom_site.auth_asym_id 
_atom_site.auth_atom_id 
_atom_site.pdbx_PDB_model_num 
ATOM   1   O "O5'" . DC  A 1 1 ? 5.005  -5.384  -11.995 1.00 38.42 ? 1 DC  A "O5'" 1 
ATOM   2   C "C5'" . DC  A 1 1 ? 5.002  -4.501  -10.915 1.00 38.19 ? 1 DC  A "C5'" 1 
ATOM   3   C "C4'" . DC  A 1 1 ? 4.532  -5.260  -9.700  1.00 36.84 ? 1 DC  A "C4'" 1 
ATOM   4   O "O4'" . DC  A 1 1 ? 3.557  -6.276  -10.086 1.00 37.08 ? 1 DC  A "O4'" 1 
ATOM   5   C "C3'" . DC  A 1 1 ? 5.657  -6.005  -9.030  1.00 36.07 ? 1 DC  A "C3'" 1 
ATOM   6   O "O3'" . DC  A 1 1 ? 5.362  -6.028  -7.682  1.00 35.43 ? 1 DC  A "O3'" 1 
ATOM   7   C "C2'" . DC  A 1 1 ? 5.504  -7.404  -9.617  1.00 36.21 ? 1 DC  A "C2'" 1 
ATOM   8   C "C1'" . DC  A 1 1 ? 3.988  -7.531  -9.591  1.00 36.39 ? 1 DC  A "C1'" 1 
ATOM   9   N N1    . DC  A 1 1 ? 3.465  -8.612  -10.454 1.00 35.93 ? 1 DC  A N1    1 
ATOM   10  C C2    . DC  A 1 1 ? 3.349  -9.928  -10.011 1.00 36.64 ? 1 DC  A C2    1 
ATOM   11  O O2    . DC  A 1 1 ? 3.694  -10.223 -8.854  1.00 37.32 ? 1 DC  A O2    1 
ATOM   12  N N3    . DC  A 1 1 ? 2.861  -10.850 -10.866 1.00 36.40 ? 1 DC  A N3    1 
ATOM   13  C C4    . DC  A 1 1 ? 2.507  -10.486 -12.093 1.00 38.13 ? 1 DC  A C4    1 
ATOM   14  N N4    . DC  A 1 1 ? 2.016  -11.385 -12.944 1.00 40.71 ? 1 DC  A N4    1 
ATOM   15  C C5    . DC  A 1 1 ? 2.609  -9.165  -12.552 1.00 37.31 ? 1 DC  A C5    1 
ATOM   16  C C6    . DC  A 1 1 ? 3.089  -8.277  -11.702 1.00 36.65 ? 1 DC  A C6    1 
ATOM   17  P P     . DG  A 1 2 ? 6.052  -4.930  -6.768  1.00 40.40 ? 2 DG  A P     1 
ATOM   18  O OP1   . DG  A 1 2 ? 7.417  -4.670  -7.281  1.00 35.78 ? 2 DG  A OP1   1 
ATOM   19  O OP2   . DG  A 1 2 ? 5.817  -5.261  -5.323  1.00 38.36 ? 2 DG  A OP2   1 
ATOM   20  O "O5'" . DG  A 1 2 ? 5.082  -3.718  -7.173  1.00 37.63 ? 2 DG  A "O5'" 1 
ATOM   21  C "C5'" . DG  A 1 2 ? 4.153  -3.249  -6.221  1.00 34.47 ? 2 DG  A "C5'" 1 
ATOM   22  C "C4'" . DG  A 1 2 ? 3.230  -2.214  -6.805  1.00 32.26 ? 2 DG  A "C4'" 1 
ATOM   23  O "O4'" . DG  A 1 2 ? 3.191  -2.323  -8.231  1.00 31.65 ? 2 DG  A "O4'" 1 
ATOM   24  C "C3'" . DG  A 1 2 ? 1.813  -2.444  -6.365  1.00 32.68 ? 2 DG  A "C3'" 1 
ATOM   25  O "O3'" . DG  A 1 2 ? 1.739  -1.754  -5.209  1.00 34.74 ? 2 DG  A "O3'" 1 
ATOM   26  C "C2'" . DG  A 1 2 ? 0.980  -1.826  -7.459  1.00 31.40 ? 2 DG  A "C2'" 1 
ATOM   27  C "C1'" . DG  A 1 2 ? 1.952  -1.818  -8.642  1.00 31.38 ? 2 DG  A "C1'" 1 
ATOM   28  N N9    . DG  A 1 2 ? 1.574  -2.657  -9.738  1.00 32.25 ? 2 DG  A N9    1 
ATOM   29  C C8    . DG  A 1 2 ? 1.569  -2.339  -11.077 1.00 34.59 ? 2 DG  A C8    1 
ATOM   30  N N7    . DG  A 1 2 ? 1.175  -3.336  -11.839 1.00 35.09 ? 2 DG  A N7    1 
ATOM   31  C C5    . DG  A 1 2 ? 0.925  -4.373  -10.925 1.00 33.81 ? 2 DG  A C5    1 
ATOM   32  C C6    . DG  A 1 2 ? 0.490  -5.700  -11.137 1.00 32.36 ? 2 DG  A C6    1 
ATOM   33  O O6    . DG  A 1 2 ? 0.213  -6.198  -12.237 1.00 32.87 ? 2 DG  A O6    1 
ATOM   34  N N1    . DG  A 1 2 ? 0.379  -6.437  -9.952  1.00 30.41 ? 2 DG  A N1    1 
ATOM   35  C C2    . DG  A 1 2 ? 0.671  -5.924  -8.697  1.00 32.40 ? 2 DG  A C2    1 
ATOM   36  N N2    . DG  A 1 2 ? 0.538  -6.706  -7.617  1.00 30.64 ? 2 DG  A N2    1 
ATOM   37  N N3    . DG  A 1 2 ? 1.077  -4.684  -8.481  1.00 33.16 ? 2 DG  A N3    1 
ATOM   38  C C4    . DG  A 1 2 ? 1.177  -3.966  -9.633  1.00 33.94 ? 2 DG  A C4    1 
ATOM   39  P P     . DA  A 1 3 ? 0.794  -2.281  -4.055  1.00 42.78 ? 3 DA  A P     1 
ATOM   40  O OP1   . DA  A 1 3 ? 0.806  -3.743  -3.744  1.00 43.23 ? 3 DA  A OP1   1 
ATOM   41  O OP2   . DA  A 1 3 ? -0.460 -1.612  -4.438  1.00 41.53 ? 3 DA  A OP2   1 
ATOM   42  O "O5'" . DA  A 1 3 ? 1.481  -1.715  -2.729  1.00 42.13 ? 3 DA  A "O5'" 1 
ATOM   43  C "C5'" . DA  A 1 3 ? 2.598  -2.411  -2.251  1.00 42.44 ? 3 DA  A "C5'" 1 
ATOM   44  C "C4'" . DA  A 1 3 ? 2.866  -2.011  -0.818  1.00 44.66 ? 3 DA  A "C4'" 1 
ATOM   45  O "O4'" . DA  A 1 3 ? 3.090  -0.587  -0.625  1.00 42.78 ? 3 DA  A "O4'" 1 
ATOM   46  C "C3'" . DA  A 1 3 ? 1.771  -2.383  0.167   1.00 46.72 ? 3 DA  A "C3'" 1 
ATOM   47  O "O3'" . DA  A 1 3 ? 2.485  -2.630  1.383   1.00 51.32 ? 3 DA  A "O3'" 1 
ATOM   48  C "C2'" . DA  A 1 3 ? 0.958  -1.100  0.233   1.00 44.91 ? 3 DA  A "C2'" 1 
ATOM   49  C "C1'" . DA  A 1 3 ? 2.029  -0.018  0.112   1.00 42.28 ? 3 DA  A "C1'" 1 
ATOM   50  N N9    . DA  A 1 3 ? 1.605  1.133   -0.665  1.00 41.63 ? 3 DA  A N9    1 
ATOM   51  C C8    . DA  A 1 3 ? 1.020  1.091   -1.919  1.00 42.20 ? 3 DA  A C8    1 
ATOM   52  N N7    . DA  A 1 3 ? 0.732  2.269   -2.436  1.00 40.72 ? 3 DA  A N7    1 
ATOM   53  C C5    . DA  A 1 3 ? 1.163  3.142   -1.445  1.00 38.73 ? 3 DA  A C5    1 
ATOM   54  C C6    . DA  A 1 3 ? 1.134  4.532   -1.402  1.00 36.94 ? 3 DA  A C6    1 
ATOM   55  N N6    . DA  A 1 3 ? 0.631  5.218   -2.423  1.00 35.23 ? 3 DA  A N6    1 
ATOM   56  N N1    . DA  A 1 3 ? 1.638  5.146   -0.307  1.00 36.71 ? 3 DA  A N1    1 
ATOM   57  C C2    . DA  A 1 3 ? 2.127  4.391   0.700   1.00 37.71 ? 3 DA  A C2    1 
ATOM   58  N N3    . DA  A 1 3 ? 2.213  3.051   0.775   1.00 39.01 ? 3 DA  A N3    1 
ATOM   59  C C4    . DA  A 1 3 ? 1.703  2.479   -0.343  1.00 40.17 ? 3 DA  A C4    1 
ATOM   60  P P     . DT  A 1 4 ? 1.821  -3.129  2.752   1.00 53.58 ? 4 DT  A P     1 
ATOM   61  O OP1   . DT  A 1 4 ? 2.944  -3.788  3.491   1.00 50.66 ? 4 DT  A OP1   1 
ATOM   62  O OP2   . DT  A 1 4 ? 0.482  -3.706  2.397   1.00 49.66 ? 4 DT  A OP2   1 
ATOM   63  O "O5'" . DT  A 1 4 ? 1.514  -1.763  3.518   1.00 51.59 ? 4 DT  A "O5'" 1 
ATOM   64  C "C5'" . DT  A 1 4 ? 2.538  -0.909  4.019   1.00 50.92 ? 4 DT  A "C5'" 1 
ATOM   65  C "C4'" . DT  A 1 4 ? 1.779  0.231   4.676   1.00 50.36 ? 4 DT  A "C4'" 1 
ATOM   66  O "O4'" . DT  A 1 4 ? 1.360  1.246   3.719   1.00 48.94 ? 4 DT  A "O4'" 1 
ATOM   67  C "C3'" . DT  A 1 4 ? 0.444  -0.198  5.277   1.00 50.93 ? 4 DT  A "C3'" 1 
ATOM   68  O "O3'" . DT  A 1 4 ? 0.237  0.626   6.407   1.00 52.44 ? 4 DT  A "O3'" 1 
ATOM   69  C "C2'" . DT  A 1 4 ? -0.589 0.111   4.184   1.00 47.58 ? 4 DT  A "C2'" 1 
ATOM   70  C "C1'" . DT  A 1 4 ? -0.031 1.491   3.879   1.00 45.20 ? 4 DT  A "C1'" 1 
ATOM   71  N N1    . DT  A 1 4 ? -0.625 2.126   2.688   1.00 41.89 ? 4 DT  A N1    1 
ATOM   72  C C2    . DT  A 1 4 ? -0.633 3.505   2.542   1.00 40.85 ? 4 DT  A C2    1 
ATOM   73  O O2    . DT  A 1 4 ? -0.162 4.290   3.346   1.00 42.27 ? 4 DT  A O2    1 
ATOM   74  N N3    . DT  A 1 4 ? -1.214 3.969   1.409   1.00 38.11 ? 4 DT  A N3    1 
ATOM   75  C C4    . DT  A 1 4 ? -1.788 3.196   0.437   1.00 39.31 ? 4 DT  A C4    1 
ATOM   76  O O4    . DT  A 1 4 ? -2.296 3.699   -0.568  1.00 40.51 ? 4 DT  A O4    1 
ATOM   77  C C5    . DT  A 1 4 ? -1.741 1.768   0.659   1.00 39.17 ? 4 DT  A C5    1 
ATOM   78  C C7    . DT  A 1 4 ? -2.316 0.805   -0.340  1.00 40.63 ? 4 DT  A C7    1 
ATOM   79  C C6    . DT  A 1 4 ? -1.178 1.297   1.760   1.00 39.35 ? 4 DT  A C6    1 
ATOM   80  P P     . DA  A 1 5 ? 0.154  -0.063  7.835   1.00 50.99 ? 5 DA  A P     1 
ATOM   81  O OP1   . DA  A 1 5 ? 1.562  -0.536  8.008   1.00 49.85 ? 5 DA  A OP1   1 
ATOM   82  O OP2   . DA  A 1 5 ? -1.063 -0.953  7.809   1.00 48.94 ? 5 DA  A OP2   1 
ATOM   83  O "O5'" . DA  A 1 5 ? -0.103 1.168   8.829   1.00 47.19 ? 5 DA  A "O5'" 1 
ATOM   84  C "C5'" . DA  A 1 5 ? 0.736  2.297   8.676   1.00 44.82 ? 5 DA  A "C5'" 1 
ATOM   85  C "C4'" . DA  A 1 5 ? -0.033 3.576   8.927   1.00 43.35 ? 5 DA  A "C4'" 1 
ATOM   86  O "O4'" . DA  A 1 5 ? -0.690 4.084   7.734   1.00 41.33 ? 5 DA  A "O4'" 1 
ATOM   87  C "C3'" . DA  A 1 5 ? -1.135 3.423   9.950   1.00 43.99 ? 5 DA  A "C3'" 1 
ATOM   88  O "O3'" . DA  A 1 5 ? -1.195 4.647   10.645  1.00 47.33 ? 5 DA  A "O3'" 1 
ATOM   89  C "C2'" . DA  A 1 5 ? -2.367 3.186   9.074   1.00 41.43 ? 5 DA  A "C2'" 1 
ATOM   90  C "C1'" . DA  A 1 5 ? -2.099 4.113   7.890   1.00 39.04 ? 5 DA  A "C1'" 1 
ATOM   91  N N9    . DA  A 1 5 ? -2.684 3.680   6.615   1.00 35.89 ? 5 DA  A N9    1 
ATOM   92  C C8    . DA  A 1 5 ? -2.891 2.390   6.206   1.00 35.19 ? 5 DA  A C8    1 
ATOM   93  N N7    . DA  A 1 5 ? -3.420 2.259   5.009   1.00 32.92 ? 5 DA  A N7    1 
ATOM   94  C C5    . DA  A 1 5 ? -3.566 3.555   4.592   1.00 31.78 ? 5 DA  A C5    1 
ATOM   95  C C6    . DA  A 1 5 ? -4.048 4.081   3.402   1.00 31.10 ? 5 DA  A C6    1 
ATOM   96  N N6    . DA  A 1 5 ? -4.494 3.311   2.428   1.00 31.13 ? 5 DA  A N6    1 
ATOM   97  N N1    . DA  A 1 5 ? -4.081 5.414   3.238   1.00 32.55 ? 5 DA  A N1    1 
ATOM   98  C C2    . DA  A 1 5 ? -3.643 6.180   4.245   1.00 34.78 ? 5 DA  A C2    1 
ATOM   99  N N3    . DA  A 1 5 ? -3.148 5.779   5.437   1.00 36.60 ? 5 DA  A N3    1 
ATOM   100 C C4    . DA  A 1 5 ? -3.125 4.439   5.550   1.00 34.27 ? 5 DA  A C4    1 
ATOM   101 P P     . DT  A 1 6 ? -2.420 4.933   11.637  1.00 50.94 ? 6 DT  A P     1 
ATOM   102 O OP1   . DT  A 1 6 ? -1.915 6.038   12.492  1.00 50.49 ? 6 DT  A OP1   1 
ATOM   103 O OP2   . DT  A 1 6 ? -2.925 3.631   12.163  1.00 48.73 ? 6 DT  A OP2   1 
ATOM   104 O "O5'" . DT  A 1 6 ? -3.553 5.623   10.757  1.00 49.87 ? 6 DT  A "O5'" 1 
ATOM   105 C "C5'" . DT  A 1 6 ? -3.205 6.939   10.370  1.00 50.87 ? 6 DT  A "C5'" 1 
ATOM   106 C "C4'" . DT  A 1 6 ? -4.387 7.614   9.733   1.00 50.56 ? 6 DT  A "C4'" 1 
ATOM   107 O "O4'" . DT  A 1 6 ? -4.692 6.891   8.524   1.00 49.12 ? 6 DT  A "O4'" 1 
ATOM   108 C "C3'" . DT  A 1 6 ? -5.645 7.576   10.590  1.00 50.73 ? 6 DT  A "C3'" 1 
ATOM   109 O "O3'" . DT  A 1 6 ? -6.223 8.874   10.563  1.00 52.17 ? 6 DT  A "O3'" 1 
ATOM   110 C "C2'" . DT  A 1 6 ? -6.530 6.556   9.883   1.00 49.56 ? 6 DT  A "C2'" 1 
ATOM   111 C "C1'" . DT  A 1 6 ? -6.089 6.775   8.444   1.00 47.70 ? 6 DT  A "C1'" 1 
ATOM   112 N N1    . DT  A 1 6 ? -6.341 5.673   7.488   1.00 45.69 ? 6 DT  A N1    1 
ATOM   113 C C2    . DT  A 1 6 ? -6.639 6.027   6.200   1.00 44.11 ? 6 DT  A C2    1 
ATOM   114 O O2    . DT  A 1 6 ? -6.709 7.191   5.842   1.00 44.63 ? 6 DT  A O2    1 
ATOM   115 N N3    . DT  A 1 6 ? -6.859 4.971   5.362   1.00 42.39 ? 6 DT  A N3    1 
ATOM   116 C C4    . DT  A 1 6 ? -6.799 3.639   5.695   1.00 42.83 ? 6 DT  A C4    1 
ATOM   117 O O4    . DT  A 1 6 ? -7.016 2.767   4.869   1.00 42.94 ? 6 DT  A O4    1 
ATOM   118 C C5    . DT  A 1 6 ? -6.486 3.339   7.068   1.00 42.20 ? 6 DT  A C5    1 
ATOM   119 C C7    . DT  A 1 6 ? -6.395 1.931   7.543   1.00 41.34 ? 6 DT  A C7    1 
ATOM   120 C C6    . DT  A 1 6 ? -6.263 4.355   7.890   1.00 43.56 ? 6 DT  A C6    1 
HETATM 121 O O     . HOH B 2 . ? -2.159 7.577   7.299   1.00 40.78 ? 7 HOH A O     1 
HETATM 122 O O     . HOH B 2 . ? 4.242  2.064   2.370   1.00 46.80 ? 8 HOH A O     1 
# 
loop_
_pdbx_poly_seq_scheme.asym_id 
_pdbx_poly_seq_scheme.entity_id 
_pdbx_poly_seq_scheme.seq_id 
_pdbx_poly_seq_scheme.mon_id 
_pdbx_poly_seq_scheme.ndb_seq_num 
_pdbx_poly_seq_scheme.pdb_seq_num 
_pdbx_poly_seq_scheme.auth_seq_num 
_pdbx_poly_seq_scheme.pdb_mon_id 
_pdbx_poly_seq_scheme.auth_mon_id 
_pdbx_poly_seq_scheme.pdb_strand_id 
_pdbx_poly_seq_scheme.pdb_ins_code 
_pdbx_poly_seq_scheme.hetero 
A 1 1 DC 1 1 1 DC C A . n 
A 1 2 DG 2 2 2 DG G A . n 
A 1 3 DA 3 3 3 DA A A . n 
A 1 4 DT 4 4 4 DT T A . n 
A 1 5 DA 5 5 5 DA A A . n 
A 1 6 DT 6 6 6 DT T A . n 
# 
loop_
_pdbx_nonpoly_scheme.asym_id 
_pdbx_nonpoly_scheme.entity_id 
_pdbx_nonpoly_scheme.mon_id 
_pdbx_nonpoly_scheme.ndb_seq_num 
_pdbx_nonpoly_scheme.pdb_seq_num 
_pdbx_nonpoly_scheme.auth_seq_num 
_pdbx_nonpoly_scheme.pdb_mon_id 
_pdbx_nonpoly_scheme.auth_mon_id 
_pdbx_nonpoly_scheme.pdb_strand_id 
_pdbx_nonpoly_scheme.pdb_ins_code 
B 2 HOH 1 7 1 HOH HOH A . 
B 2 HOH 2 8 2 HOH HOH A . 
# 
_pdbx_struct_assembly.id                   1 
_pdbx_struct_assembly.details              'representative helical assembly' 
_pdbx_struct_assembly.method_details       ? 
_pdbx_struct_assembly.oligomeric_details   helical 
_pdbx_struct_assembly.oligomeric_count     2 
# 
_pdbx_struct_assembly_gen.assembly_id       1 
_pdbx_struct_assembly_gen.oper_expression   1,2,3 
_pdbx_struct_assembly_gen.asym_id_list      A,B 
# 
loop_
_pdbx_struct_oper_list.id 
_pdbx_struct_oper_list.type 
_pdbx_struct_oper_list.name 
_pdbx_struct_oper_list.symmetry_operation 
_pdbx_struct_oper_list.matrix[1][1] 
_pdbx_struct_oper_list.matrix[1][2] 
_pdbx_struct_oper_list.matrix[1][3] 
_pdbx_struct_oper_list.vector[1] 
_pdbx_struct_oper_list.matrix[2][1] 
_pdbx_struct_oper_list.matrix[2][2] 
_pdbx_struct_oper_list.matrix[2][3] 
_pdbx_struct_oper_list.vector[2] 
_pdbx_struct_oper_list.matrix[3][1] 
_pdbx_struct_oper_list.matrix[3][2] 
_pdbx_struct_oper_list.matrix[3][3] 
_pdbx_struct_oper_list.vector[3] 
1 'identity operation'         1_555  x,y,z           1.0000000000  0.0000000000 0.0000000000 0.0000000000  0.0000000000 1.0000000000  0.0000000000 0.0000000000   0.0000000000 0.0000000000 1.0000000000 0.0000000000  
2 'crystal symmetry operation' 8_676  x-y+1,-y+2,-z+1 -0.8309516511 0.3230788957 0.4529231510 -7.8826365676 0.3230788957 -0.3825436718 0.8656098234 7.3927446752   0.4529231510 0.8656098234 0.2134953229 -2.3312853101 
3 'crystal symmetry operation' 12_566 x,x-y+1,-z+4/3  -0.8679673698 0.0376429715 0.4951925399 7.9799148121  0.0376429715 -0.9892678553 0.1411811506 -18.5768260704 0.4951925399 0.1411811506 0.8572352251 -0.7155241229 
# 
loop_
_pdbx_audit_revision_history.ordinal 
_pdbx_audit_revision_history.data_content_type 
_pdbx_audit_revision_history.major_revision 
_pdbx_audit_revision_history.minor_revision 
_pdbx_audit_revision_history.revision_date 
1 'Structure model' 1 0 2010-05-19 
2 'Structure model' 1 1 2011-07-13 
3 'Structure model' 1 2 2023-11-01 
# 
_pdbx_audit_revision_details.ordinal             1 
_pdbx_audit_revision_details.revision_ordinal    1 
_pdbx_audit_revision_details.data_content_type   'Structure model' 
_pdbx_audit_revision_details.provider            repository 
_pdbx_audit_revision_details.type                'Initial release' 
_pdbx_audit_revision_details.description         ? 
_pdbx_audit_revision_details.details             ? 
# 
loop_
_pdbx_audit_revision_group.ordinal 
_pdbx_audit_revision_group.revision_ordinal 
_pdbx_audit_revision_group.data_content_type 
_pdbx_audit_revision_group.group 
1 2 'Structure model' 'Version format compliance' 
2 3 'Structure model' 'Data collection'           
3 3 'Structure model' 'Database references'       
4 3 'Structure model' 'Refinement description'    
# 
loop_
_pdbx_audit_revision_category.ordinal 
_pdbx_audit_revision_category.revision_ordinal 
_pdbx_audit_revision_category.data_content_type 
_pdbx_audit_revision_category.category 
1 3 'Structure model' chem_comp_atom                
2 3 'Structure model' chem_comp_bond                
3 3 'Structure model' database_2                    
4 3 'Structure model' pdbx_initial_refinement_model 
# 
loop_
_pdbx_audit_revision_item.ordinal 
_pdbx_audit_revision_item.revision_ordinal 
_pdbx_audit_revision_item.data_content_type 
_pdbx_audit_revision_item.item 
1 3 'Structure model' '_database_2.pdbx_DOI'                
2 3 'Structure model' '_database_2.pdbx_database_accession' 
# 
loop_
_software.name 
_software.classification 
_software.version 
_software.citation_id 
_software.pdbx_ordinal 
MOLREP phasing    'VERSION 10.2.6' ? 1 
REFMAC refinement 5.5.0046         ? 2 
# 
loop_
_pdbx_validate_rmsd_bond.id 
_pdbx_validate_rmsd_bond.PDB_model_num 
_pdbx_validate_rmsd_bond.auth_atom_id_1 
_pdbx_validate_rmsd_bond.auth_asym_id_1 
_pdbx_validate_rmsd_bond.auth_comp_id_1 
_pdbx_validate_rmsd_bond.auth_seq_id_1 
_pdbx_validate_rmsd_bond.PDB_ins_code_1 
_pdbx_validate_rmsd_bond.label_alt_id_1 
_pdbx_validate_rmsd_bond.auth_atom_id_2 
_pdbx_validate_rmsd_bond.auth_asym_id_2 
_pdbx_validate_rmsd_bond.auth_comp_id_2 
_pdbx_validate_rmsd_bond.auth_seq_id_2 
_pdbx_validate_rmsd_bond.PDB_ins_code_2 
_pdbx_validate_rmsd_bond.label_alt_id_2 
_pdbx_validate_rmsd_bond.bond_value 
_pdbx_validate_rmsd_bond.bond_target_value 
_pdbx_validate_rmsd_bond.bond_deviation 
_pdbx_validate_rmsd_bond.bond_standard_deviation 
_pdbx_validate_rmsd_bond.linker_flag 
1 1 "O3'" A DC 1 ? ? "C3'" A DC 1 ? ? 1.380 1.419 -0.039 0.006 N 
2 1 "O3'" A DG 2 ? ? "C3'" A DG 2 ? ? 1.348 1.419 -0.071 0.006 N 
# 
loop_
_pdbx_validate_rmsd_angle.id 
_pdbx_validate_rmsd_angle.PDB_model_num 
_pdbx_validate_rmsd_angle.auth_atom_id_1 
_pdbx_validate_rmsd_angle.auth_asym_id_1 
_pdbx_validate_rmsd_angle.auth_comp_id_1 
_pdbx_validate_rmsd_angle.auth_seq_id_1 
_pdbx_validate_rmsd_angle.PDB_ins_code_1 
_pdbx_validate_rmsd_angle.label_alt_id_1 
_pdbx_validate_rmsd_angle.auth_atom_id_2 
_pdbx_validate_rmsd_angle.auth_asym_id_2 
_pdbx_validate_rmsd_angle.auth_comp_id_2 
_pdbx_validate_rmsd_angle.auth_seq_id_2 
_pdbx_validate_rmsd_angle.PDB_ins_code_2 
_pdbx_validate_rmsd_angle.label_alt_id_2 
_pdbx_validate_rmsd_angle.auth_atom_id_3 
_pdbx_validate_rmsd_angle.auth_asym_id_3 
_pdbx_validate_rmsd_angle.auth_comp_id_3 
_pdbx_validate_rmsd_angle.auth_seq_id_3 
_pdbx_validate_rmsd_angle.PDB_ins_code_3 
_pdbx_validate_rmsd_angle.label_alt_id_3 
_pdbx_validate_rmsd_angle.angle_value 
_pdbx_validate_rmsd_angle.angle_target_value 
_pdbx_validate_rmsd_angle.angle_deviation 
_pdbx_validate_rmsd_angle.angle_standard_deviation 
_pdbx_validate_rmsd_angle.linker_flag 
1 1 "O3'" A DG 2 ? ? P     A DA 3 ? ? OP1   A DA 3 ? ? 118.28 110.50 7.78  1.10 Y 
2 1 "O5'" A DA 3 ? ? P     A DA 3 ? ? OP1   A DA 3 ? ? 99.79  105.70 -5.91 0.90 N 
3 1 "O5'" A DT 4 ? ? "C5'" A DT 4 ? ? "C4'" A DT 4 ? ? 104.08 109.40 -5.32 0.80 N 
4 1 "O4'" A DT 4 ? ? "C4'" A DT 4 ? ? "C3'" A DT 4 ? ? 101.71 104.50 -2.79 0.40 N 
5 1 "C3'" A DT 4 ? ? "C2'" A DT 4 ? ? "C1'" A DT 4 ? ? 94.52  102.40 -7.88 0.80 N 
6 1 "O4'" A DT 4 ? ? "C1'" A DT 4 ? ? N1    A DT 4 ? ? 112.14 108.30 3.84  0.30 N 
7 1 C6    A DT 4 ? ? C5    A DT 4 ? ? C7    A DT 4 ? ? 119.18 122.90 -3.72 0.60 N 
# 
loop_
_chem_comp_atom.comp_id 
_chem_comp_atom.atom_id 
_chem_comp_atom.type_symbol 
_chem_comp_atom.pdbx_aromatic_flag 
_chem_comp_atom.pdbx_stereo_config 
_chem_comp_atom.pdbx_ordinal 
DA  OP3    O N N 1   
DA  P      P N N 2   
DA  OP1    O N N 3   
DA  OP2    O N N 4   
DA  "O5'"  O N N 5   
DA  "C5'"  C N N 6   
DA  "C4'"  C N R 7   
DA  "O4'"  O N N 8   
DA  "C3'"  C N S 9   
DA  "O3'"  O N N 10  
DA  "C2'"  C N N 11  
DA  "C1'"  C N R 12  
DA  N9     N Y N 13  
DA  C8     C Y N 14  
DA  N7     N Y N 15  
DA  C5     C Y N 16  
DA  C6     C Y N 17  
DA  N6     N N N 18  
DA  N1     N Y N 19  
DA  C2     C Y N 20  
DA  N3     N Y N 21  
DA  C4     C Y N 22  
DA  HOP3   H N N 23  
DA  HOP2   H N N 24  
DA  "H5'"  H N N 25  
DA  "H5''" H N N 26  
DA  "H4'"  H N N 27  
DA  "H3'"  H N N 28  
DA  "HO3'" H N N 29  
DA  "H2'"  H N N 30  
DA  "H2''" H N N 31  
DA  "H1'"  H N N 32  
DA  H8     H N N 33  
DA  H61    H N N 34  
DA  H62    H N N 35  
DA  H2     H N N 36  
DC  OP3    O N N 37  
DC  P      P N N 38  
DC  OP1    O N N 39  
DC  OP2    O N N 40  
DC  "O5'"  O N N 41  
DC  "C5'"  C N N 42  
DC  "C4'"  C N R 43  
DC  "O4'"  O N N 44  
DC  "C3'"  C N S 45  
DC  "O3'"  O N N 46  
DC  "C2'"  C N N 47  
DC  "C1'"  C N R 48  
DC  N1     N N N 49  
DC  C2     C N N 50  
DC  O2     O N N 51  
DC  N3     N N N 52  
DC  C4     C N N 53  
DC  N4     N N N 54  
DC  C5     C N N 55  
DC  C6     C N N 56  
DC  HOP3   H N N 57  
DC  HOP2   H N N 58  
DC  "H5'"  H N N 59  
DC  "H5''" H N N 60  
DC  "H4'"  H N N 61  
DC  "H3'"  H N N 62  
DC  "HO3'" H N N 63  
DC  "H2'"  H N N 64  
DC  "H2''" H N N 65  
DC  "H1'"  H N N 66  
DC  H41    H N N 67  
DC  H42    H N N 68  
DC  H5     H N N 69  
DC  H6     H N N 70  
DG  OP3    O N N 71  
DG  P      P N N 72  
DG  OP1    O N N 73  
DG  OP2    O N N 74  
DG  "O5'"  O N N 75  
DG  "C5'"  C N N 76  
DG  "C4'"  C N R 77  
DG  "O4'"  O N N 78  
DG  "C3'"  C N S 79  
DG  "O3'"  O N N 80  
DG  "C2'"  C N N 81  
DG  "C1'"  C N R 82  
DG  N9     N Y N 83  
DG  C8     C Y N 84  
DG  N7     N Y N 85  
DG  C5     C Y N 86  
DG  C6     C N N 87  
DG  O6     O N N 88  
DG  N1     N N N 89  
DG  C2     C N N 90  
DG  N2     N N N 91  
DG  N3     N N N 92  
DG  C4     C Y N 93  
DG  HOP3   H N N 94  
DG  HOP2   H N N 95  
DG  "H5'"  H N N 96  
DG  "H5''" H N N 97  
DG  "H4'"  H N N 98  
DG  "H3'"  H N N 99  
DG  "HO3'" H N N 100 
DG  "H2'"  H N N 101 
DG  "H2''" H N N 102 
DG  "H1'"  H N N 103 
DG  H8     H N N 104 
DG  H1     H N N 105 
DG  H21    H N N 106 
DG  H22    H N N 107 
DT  OP3    O N N 108 
DT  P      P N N 109 
DT  OP1    O N N 110 
DT  OP2    O N N 111 
DT  "O5'"  O N N 112 
DT  "C5'"  C N N 113 
DT  "C4'"  C N R 114 
DT  "O4'"  O N N 115 
DT  "C3'"  C N S 116 
DT  "O3'"  O N N 117 
DT  "C2'"  C N N 118 
DT  "C1'"  C N R 119 
DT  N1     N N N 120 
DT  C2     C N N 121 
DT  O2     O N N 122 
DT  N3     N N N 123 
DT  C4     C N N 124 
DT  O4     O N N 125 
DT  C5     C N N 126 
DT  C7     C N N 127 
DT  C6     C N N 128 
DT  HOP3   H N N 129 
DT  HOP2   H N N 130 
DT  "H5'"  H N N 131 
DT  "H5''" H N N 132 
DT  "H4'"  H N N 133 
DT  "H3'"  H N N 134 
DT  "HO3'" H N N 135 
DT  "H2'"  H N N 136 
DT  "H2''" H N N 137 
DT  "H1'"  H N N 138 
DT  H3     H N N 139 
DT  H71    H N N 140 
DT  H72    H N N 141 
DT  H73    H N N 142 
DT  H6     H N N 143 
HOH O      O N N 144 
HOH H1     H N N 145 
HOH H2     H N N 146 
# 
loop_
_chem_comp_bond.comp_id 
_chem_comp_bond.atom_id_1 
_chem_comp_bond.atom_id_2 
_chem_comp_bond.value_order 
_chem_comp_bond.pdbx_aromatic_flag 
_chem_comp_bond.pdbx_stereo_config 
_chem_comp_bond.pdbx_ordinal 
DA  OP3   P      sing N N 1   
DA  OP3   HOP3   sing N N 2   
DA  P     OP1    doub N N 3   
DA  P     OP2    sing N N 4   
DA  P     "O5'"  sing N N 5   
DA  OP2   HOP2   sing N N 6   
DA  "O5'" "C5'"  sing N N 7   
DA  "C5'" "C4'"  sing N N 8   
DA  "C5'" "H5'"  sing N N 9   
DA  "C5'" "H5''" sing N N 10  
DA  "C4'" "O4'"  sing N N 11  
DA  "C4'" "C3'"  sing N N 12  
DA  "C4'" "H4'"  sing N N 13  
DA  "O4'" "C1'"  sing N N 14  
DA  "C3'" "O3'"  sing N N 15  
DA  "C3'" "C2'"  sing N N 16  
DA  "C3'" "H3'"  sing N N 17  
DA  "O3'" "HO3'" sing N N 18  
DA  "C2'" "C1'"  sing N N 19  
DA  "C2'" "H2'"  sing N N 20  
DA  "C2'" "H2''" sing N N 21  
DA  "C1'" N9     sing N N 22  
DA  "C1'" "H1'"  sing N N 23  
DA  N9    C8     sing Y N 24  
DA  N9    C4     sing Y N 25  
DA  C8    N7     doub Y N 26  
DA  C8    H8     sing N N 27  
DA  N7    C5     sing Y N 28  
DA  C5    C6     sing Y N 29  
DA  C5    C4     doub Y N 30  
DA  C6    N6     sing N N 31  
DA  C6    N1     doub Y N 32  
DA  N6    H61    sing N N 33  
DA  N6    H62    sing N N 34  
DA  N1    C2     sing Y N 35  
DA  C2    N3     doub Y N 36  
DA  C2    H2     sing N N 37  
DA  N3    C4     sing Y N 38  
DC  OP3   P      sing N N 39  
DC  OP3   HOP3   sing N N 40  
DC  P     OP1    doub N N 41  
DC  P     OP2    sing N N 42  
DC  P     "O5'"  sing N N 43  
DC  OP2   HOP2   sing N N 44  
DC  "O5'" "C5'"  sing N N 45  
DC  "C5'" "C4'"  sing N N 46  
DC  "C5'" "H5'"  sing N N 47  
DC  "C5'" "H5''" sing N N 48  
DC  "C4'" "O4'"  sing N N 49  
DC  "C4'" "C3'"  sing N N 50  
DC  "C4'" "H4'"  sing N N 51  
DC  "O4'" "C1'"  sing N N 52  
DC  "C3'" "O3'"  sing N N 53  
DC  "C3'" "C2'"  sing N N 54  
DC  "C3'" "H3'"  sing N N 55  
DC  "O3'" "HO3'" sing N N 56  
DC  "C2'" "C1'"  sing N N 57  
DC  "C2'" "H2'"  sing N N 58  
DC  "C2'" "H2''" sing N N 59  
DC  "C1'" N1     sing N N 60  
DC  "C1'" "H1'"  sing N N 61  
DC  N1    C2     sing N N 62  
DC  N1    C6     sing N N 63  
DC  C2    O2     doub N N 64  
DC  C2    N3     sing N N 65  
DC  N3    C4     doub N N 66  
DC  C4    N4     sing N N 67  
DC  C4    C5     sing N N 68  
DC  N4    H41    sing N N 69  
DC  N4    H42    sing N N 70  
DC  C5    C6     doub N N 71  
DC  C5    H5     sing N N 72  
DC  C6    H6     sing N N 73  
DG  OP3   P      sing N N 74  
DG  OP3   HOP3   sing N N 75  
DG  P     OP1    doub N N 76  
DG  P     OP2    sing N N 77  
DG  P     "O5'"  sing N N 78  
DG  OP2   HOP2   sing N N 79  
DG  "O5'" "C5'"  sing N N 80  
DG  "C5'" "C4'"  sing N N 81  
DG  "C5'" "H5'"  sing N N 82  
DG  "C5'" "H5''" sing N N 83  
DG  "C4'" "O4'"  sing N N 84  
DG  "C4'" "C3'"  sing N N 85  
DG  "C4'" "H4'"  sing N N 86  
DG  "O4'" "C1'"  sing N N 87  
DG  "C3'" "O3'"  sing N N 88  
DG  "C3'" "C2'"  sing N N 89  
DG  "C3'" "H3'"  sing N N 90  
DG  "O3'" "HO3'" sing N N 91  
DG  "C2'" "C1'"  sing N N 92  
DG  "C2'" "H2'"  sing N N 93  
DG  "C2'" "H2''" sing N N 94  
DG  "C1'" N9     sing N N 95  
DG  "C1'" "H1'"  sing N N 96  
DG  N9    C8     sing Y N 97  
DG  N9    C4     sing Y N 98  
DG  C8    N7     doub Y N 99  
DG  C8    H8     sing N N 100 
DG  N7    C5     sing Y N 101 
DG  C5    C6     sing N N 102 
DG  C5    C4     doub Y N 103 
DG  C6    O6     doub N N 104 
DG  C6    N1     sing N N 105 
DG  N1    C2     sing N N 106 
DG  N1    H1     sing N N 107 
DG  C2    N2     sing N N 108 
DG  C2    N3     doub N N 109 
DG  N2    H21    sing N N 110 
DG  N2    H22    sing N N 111 
DG  N3    C4     sing N N 112 
DT  OP3   P      sing N N 113 
DT  OP3   HOP3   sing N N 114 
DT  P     OP1    doub N N 115 
DT  P     OP2    sing N N 116 
DT  P     "O5'"  sing N N 117 
DT  OP2   HOP2   sing N N 118 
DT  "O5'" "C5'"  sing N N 119 
DT  "C5'" "C4'"  sing N N 120 
DT  "C5'" "H5'"  sing N N 121 
DT  "C5'" "H5''" sing N N 122 
DT  "C4'" "O4'"  sing N N 123 
DT  "C4'" "C3'"  sing N N 124 
DT  "C4'" "H4'"  sing N N 125 
DT  "O4'" "C1'"  sing N N 126 
DT  "C3'" "O3'"  sing N N 127 
DT  "C3'" "C2'"  sing N N 128 
DT  "C3'" "H3'"  sing N N 129 
DT  "O3'" "HO3'" sing N N 130 
DT  "C2'" "C1'"  sing N N 131 
DT  "C2'" "H2'"  sing N N 132 
DT  "C2'" "H2''" sing N N 133 
DT  "C1'" N1     sing N N 134 
DT  "C1'" "H1'"  sing N N 135 
DT  N1    C2     sing N N 136 
DT  N1    C6     sing N N 137 
DT  C2    O2     doub N N 138 
DT  C2    N3     sing N N 139 
DT  N3    C4     sing N N 140 
DT  N3    H3     sing N N 141 
DT  C4    O4     doub N N 142 
DT  C4    C5     sing N N 143 
DT  C5    C7     sing N N 144 
DT  C5    C6     doub N N 145 
DT  C7    H71    sing N N 146 
DT  C7    H72    sing N N 147 
DT  C7    H73    sing N N 148 
DT  C6    H6     sing N N 149 
HOH O     H1     sing N N 150 
HOH O     H2     sing N N 151 
# 
_ndb_struct_conf_na.entry_id   3HCL 
_ndb_struct_conf_na.feature    'b-form double helix' 
# 
loop_
_ndb_struct_na_base_pair.model_number 
_ndb_struct_na_base_pair.i_label_asym_id 
_ndb_struct_na_base_pair.i_label_comp_id 
_ndb_struct_na_base_pair.i_label_seq_id 
_ndb_struct_na_base_pair.i_symmetry 
_ndb_struct_na_base_pair.j_label_asym_id 
_ndb_struct_na_base_pair.j_label_comp_id 
_ndb_struct_na_base_pair.j_label_seq_id 
_ndb_struct_na_base_pair.j_symmetry 
_ndb_struct_na_base_pair.shear 
_ndb_struct_na_base_pair.stretch 
_ndb_struct_na_base_pair.stagger 
_ndb_struct_na_base_pair.buckle 
_ndb_struct_na_base_pair.propeller 
_ndb_struct_na_base_pair.opening 
_ndb_struct_na_base_pair.pair_number 
_ndb_struct_na_base_pair.pair_name 
_ndb_struct_na_base_pair.i_auth_asym_id 
_ndb_struct_na_base_pair.i_auth_seq_id 
_ndb_struct_na_base_pair.i_PDB_ins_code 
_ndb_struct_na_base_pair.j_auth_asym_id 
_ndb_struct_na_base_pair.j_auth_seq_id 
_ndb_struct_na_base_pair.j_PDB_ins_code 
_ndb_struct_na_base_pair.hbond_type_28 
_ndb_struct_na_base_pair.hbond_type_12 
1 A DA 3 1_555 A DT 6 8_676 -0.020 -0.146 -0.132 -7.728 -4.999  1.543 1 A_DA3:DT6_A A 3 ? A 6 ? 20 1 
1 A DT 4 1_555 A DA 5 8_676 0.068  -0.096 0.070  2.426  -10.952 0.951 2 A_DT4:DA5_A A 4 ? A 5 ? 20 1 
1 A DA 5 1_555 A DT 4 8_676 -0.068 -0.096 0.070  -2.426 -10.952 0.951 3 A_DA5:DT4_A A 5 ? A 4 ? 20 1 
1 A DT 6 1_555 A DA 3 8_676 0.020  -0.146 -0.132 7.728  -4.999  1.543 4 A_DT6:DA3_A A 6 ? A 3 ? 20 1 
# 
loop_
_ndb_struct_na_base_pair_step.model_number 
_ndb_struct_na_base_pair_step.i_label_asym_id_1 
_ndb_struct_na_base_pair_step.i_label_comp_id_1 
_ndb_struct_na_base_pair_step.i_label_seq_id_1 
_ndb_struct_na_base_pair_step.i_symmetry_1 
_ndb_struct_na_base_pair_step.j_label_asym_id_1 
_ndb_struct_na_base_pair_step.j_label_comp_id_1 
_ndb_struct_na_base_pair_step.j_label_seq_id_1 
_ndb_struct_na_base_pair_step.j_symmetry_1 
_ndb_struct_na_base_pair_step.i_label_asym_id_2 
_ndb_struct_na_base_pair_step.i_label_comp_id_2 
_ndb_struct_na_base_pair_step.i_label_seq_id_2 
_ndb_struct_na_base_pair_step.i_symmetry_2 
_ndb_struct_na_base_pair_step.j_label_asym_id_2 
_ndb_struct_na_base_pair_step.j_label_comp_id_2 
_ndb_struct_na_base_pair_step.j_label_seq_id_2 
_ndb_struct_na_base_pair_step.j_symmetry_2 
_ndb_struct_na_base_pair_step.shift 
_ndb_struct_na_base_pair_step.slide 
_ndb_struct_na_base_pair_step.rise 
_ndb_struct_na_base_pair_step.tilt 
_ndb_struct_na_base_pair_step.roll 
_ndb_struct_na_base_pair_step.twist 
_ndb_struct_na_base_pair_step.x_displacement 
_ndb_struct_na_base_pair_step.y_displacement 
_ndb_struct_na_base_pair_step.helical_rise 
_ndb_struct_na_base_pair_step.inclination 
_ndb_struct_na_base_pair_step.tip 
_ndb_struct_na_base_pair_step.helical_twist 
_ndb_struct_na_base_pair_step.step_number 
_ndb_struct_na_base_pair_step.step_name 
_ndb_struct_na_base_pair_step.i_auth_asym_id_1 
_ndb_struct_na_base_pair_step.i_auth_seq_id_1 
_ndb_struct_na_base_pair_step.i_PDB_ins_code_1 
_ndb_struct_na_base_pair_step.j_auth_asym_id_1 
_ndb_struct_na_base_pair_step.j_auth_seq_id_1 
_ndb_struct_na_base_pair_step.j_PDB_ins_code_1 
_ndb_struct_na_base_pair_step.i_auth_asym_id_2 
_ndb_struct_na_base_pair_step.i_auth_seq_id_2 
_ndb_struct_na_base_pair_step.i_PDB_ins_code_2 
_ndb_struct_na_base_pair_step.j_auth_asym_id_2 
_ndb_struct_na_base_pair_step.j_auth_seq_id_2 
_ndb_struct_na_base_pair_step.j_PDB_ins_code_2 
1 A DA 3 1_555 A DT 6 8_676 A DT 4 1_555 A DA 5 8_676 -0.172 -0.357 3.126 -2.143 0.351 27.200 -0.841 -0.147 3.126 0.744 4.547  
27.284 1 AA_DA3DT4:DA5DT6_AA A 3 ? A 6 ? A 4 ? A 5 ? 
1 A DT 4 1_555 A DA 5 8_676 A DA 5 1_555 A DT 4 8_676 0.000  1.215  3.396 0.000  5.197 42.526 1.114  0.000  3.514 7.134 0.000  
42.827 2 AA_DT4DA5:DT4DA5_AA A 4 ? A 5 ? A 5 ? A 4 ? 
1 A DA 5 1_555 A DT 4 8_676 A DT 6 1_555 A DA 3 8_676 0.172  -0.357 3.126 2.143  0.351 27.200 -0.841 0.147  3.126 0.744 -4.547 
27.284 3 AA_DA5DT6:DA3DT4_AA A 5 ? A 4 ? A 6 ? A 3 ? 
# 
_pdbx_entity_nonpoly.entity_id   2 
_pdbx_entity_nonpoly.name        water 
_pdbx_entity_nonpoly.comp_id     HOH 
# 
_pdbx_initial_refinement_model.id               1 
_pdbx_initial_refinement_model.entity_id_list   ? 
_pdbx_initial_refinement_model.type             'experimental model' 
_pdbx_initial_refinement_model.source_name      PDB 
_pdbx_initial_refinement_model.accession_code   231D 
_pdbx_initial_refinement_model.details          ? 
# 
